data_7AVO
#
_entry.id   7AVO
#
_cell.length_a   40.688
_cell.length_b   102.009
_cell.length_c   56.601
_cell.angle_alpha   90.000
_cell.angle_beta   99.750
_cell.angle_gamma   90.000
#
_symmetry.space_group_name_H-M   'P 1 21 1'
#
loop_
_entity.id
_entity.type
_entity.pdbx_description
1 polymer Bacteriorhodopsin
2 non-polymer EICOSANE
3 non-polymer '(2S)-2,3-dihydroxypropyl (9Z)-octadec-9-enoate'
4 non-polymer '(2R)-2,3-dihydroxypropyl (9Z)-octadec-9-enoate'
5 water water
#
_entity_poly.entity_id   1
_entity_poly.type   'polypeptide(L)'
_entity_poly.pdbx_seq_one_letter_code
;MEELTYRLFMVATVGMLAGTVFLLASSREVKPEHRRGVYISALVCGIAWYHYQKMGASWESGSYDTGLRYVDWVLTVPLM
FVEVLAVTRKGAAYNEAVRNWGIAATVMIGAGYYGETSAAGSNEYWTGFVIAMATYVWLMRNLQAEGEGLKGDQAVAFEN
IKNLILVGWIIYPLGYIAPVVGDFDAIREVLYTIADIIN(LYR)VGLGVLVLQMARVQSGEKVS
;
_entity_poly.pdbx_strand_id   A,B
#
loop_
_chem_comp.id
_chem_comp.type
_chem_comp.name
_chem_comp.formula
LFA non-polymer EICOSANE 'C20 H42'
OLB non-polymer '(2S)-2,3-dihydroxypropyl (9Z)-octadec-9-enoate' 'C21 H40 O4'
OLC non-polymer '(2R)-2,3-dihydroxypropyl (9Z)-octadec-9-enoate' 'C21 H40 O4'
#
# COMPACT_ATOMS: atom_id res chain seq x y z
N MET A 1 -23.90 1.82 -4.60
N MET A 1 -21.90 0.35 -3.51
CA MET A 1 -22.79 0.82 -4.60
CA MET A 1 -23.18 0.36 -4.27
C MET A 1 -22.86 -0.07 -5.84
C MET A 1 -22.95 -0.15 -5.70
N GLU A 2 -24.03 -0.23 -6.49
CA GLU A 2 -24.09 -0.90 -7.81
C GLU A 2 -23.55 0.04 -8.88
N GLU A 3 -23.96 1.32 -8.87
CA GLU A 3 -23.46 2.34 -9.83
C GLU A 3 -21.96 2.55 -9.61
N LEU A 4 -21.55 2.72 -8.36
CA LEU A 4 -20.13 2.96 -8.00
C LEU A 4 -19.28 1.86 -8.67
N THR A 5 -19.68 0.61 -8.48
CA THR A 5 -18.98 -0.59 -9.02
C THR A 5 -18.84 -0.45 -10.52
N TYR A 6 -19.89 0.02 -11.21
CA TYR A 6 -19.88 0.22 -12.68
C TYR A 6 -18.89 1.32 -13.07
N ARG A 7 -18.94 2.47 -12.40
CA ARG A 7 -18.02 3.61 -12.65
C ARG A 7 -16.57 3.13 -12.51
N LEU A 8 -16.28 2.38 -11.43
CA LEU A 8 -14.95 1.82 -11.13
C LEU A 8 -14.49 0.90 -12.27
N PHE A 9 -15.36 0.07 -12.83
CA PHE A 9 -15.01 -0.82 -13.97
C PHE A 9 -14.51 0.04 -15.14
N MET A 10 -15.22 1.15 -15.39
CA MET A 10 -14.88 2.10 -16.47
CA MET A 10 -14.87 2.09 -16.48
C MET A 10 -13.55 2.78 -16.16
N VAL A 11 -13.34 3.20 -14.91
CA VAL A 11 -12.04 3.82 -14.50
C VAL A 11 -10.93 2.78 -14.66
N ALA A 12 -11.15 1.53 -14.23
CA ALA A 12 -10.16 0.45 -14.40
C ALA A 12 -9.87 0.28 -15.88
N THR A 13 -10.89 0.26 -16.73
CA THR A 13 -10.70 0.02 -18.17
C THR A 13 -9.70 1.07 -18.67
N VAL A 14 -9.92 2.33 -18.32
CA VAL A 14 -9.10 3.45 -18.85
C VAL A 14 -7.71 3.40 -18.21
N GLY A 15 -7.62 3.11 -16.91
CA GLY A 15 -6.34 2.93 -16.22
C GLY A 15 -5.51 1.82 -16.85
N MET A 16 -6.12 0.67 -17.14
CA MET A 16 -5.35 -0.47 -17.69
C MET A 16 -4.80 -0.10 -19.09
N LEU A 17 -5.63 0.54 -19.92
CA LEU A 17 -5.19 0.91 -21.29
C LEU A 17 -4.06 1.94 -21.17
N ALA A 18 -4.20 2.90 -20.28
CA ALA A 18 -3.15 3.93 -20.03
C ALA A 18 -1.84 3.23 -19.65
N GLY A 19 -1.91 2.25 -18.75
CA GLY A 19 -0.70 1.49 -18.38
C GLY A 19 -0.12 0.75 -19.55
N THR A 20 -0.97 0.10 -20.36
CA THR A 20 -0.52 -0.69 -21.53
C THR A 20 0.31 0.22 -22.44
N VAL A 21 -0.25 1.37 -22.82
CA VAL A 21 0.39 2.27 -23.82
C VAL A 21 1.61 2.94 -23.18
N PHE A 22 1.55 3.31 -21.90
CA PHE A 22 2.73 3.87 -21.18
C PHE A 22 3.88 2.88 -21.27
N LEU A 23 3.62 1.62 -20.94
CA LEU A 23 4.68 0.58 -20.87
C LEU A 23 5.21 0.27 -22.26
N LEU A 24 4.35 0.16 -23.28
CA LEU A 24 4.81 -0.05 -24.68
C LEU A 24 5.71 1.10 -25.12
N ALA A 25 5.28 2.34 -24.90
CA ALA A 25 6.00 3.57 -25.31
C ALA A 25 7.32 3.69 -24.55
N SER A 26 7.35 3.30 -23.26
CA SER A 26 8.55 3.39 -22.39
C SER A 26 9.54 2.26 -22.70
N SER A 27 9.08 1.20 -23.35
CA SER A 27 9.90 -0.01 -23.67
C SER A 27 11.15 0.40 -24.47
N ARG A 28 11.06 1.49 -25.23
CA ARG A 28 12.13 1.97 -26.14
C ARG A 28 13.25 2.67 -25.35
N GLU A 29 13.00 3.06 -24.10
CA GLU A 29 13.96 3.82 -23.26
C GLU A 29 14.88 2.84 -22.52
N VAL A 30 14.62 1.54 -22.68
CA VAL A 30 15.36 0.43 -22.01
C VAL A 30 16.07 -0.36 -23.10
N LYS A 31 17.19 -1.01 -22.76
CA LYS A 31 18.01 -1.80 -23.72
C LYS A 31 17.29 -3.09 -24.07
N PRO A 32 17.47 -3.58 -25.32
CA PRO A 32 16.71 -4.73 -25.83
C PRO A 32 16.70 -5.95 -24.91
N GLU A 33 17.84 -6.27 -24.30
CA GLU A 33 18.00 -7.49 -23.48
C GLU A 33 17.28 -7.31 -22.12
N HIS A 34 16.69 -6.15 -21.86
CA HIS A 34 15.95 -5.90 -20.58
C HIS A 34 14.47 -5.60 -20.84
N ARG A 35 14.01 -5.70 -22.09
CA ARG A 35 12.66 -5.27 -22.53
C ARG A 35 11.59 -6.33 -22.23
N ARG A 36 11.97 -7.60 -22.13
CA ARG A 36 11.00 -8.73 -22.03
C ARG A 36 9.96 -8.43 -20.94
N GLY A 37 10.41 -8.13 -19.72
CA GLY A 37 9.52 -7.86 -18.56
C GLY A 37 8.59 -6.70 -18.84
N VAL A 38 9.05 -5.66 -19.53
CA VAL A 38 8.22 -4.47 -19.83
C VAL A 38 7.13 -4.87 -20.83
N TYR A 39 7.46 -5.68 -21.85
CA TYR A 39 6.48 -6.17 -22.86
C TYR A 39 5.38 -6.99 -22.17
N ILE A 40 5.80 -7.94 -21.33
CA ILE A 40 4.87 -8.81 -20.56
C ILE A 40 4.00 -7.94 -19.65
N SER A 41 4.57 -6.94 -18.99
CA SER A 41 3.81 -6.00 -18.12
CA SER A 41 3.82 -6.00 -18.11
C SER A 41 2.71 -5.32 -18.92
N ALA A 42 3.00 -4.88 -20.14
CA ALA A 42 2.03 -4.19 -21.00
C ALA A 42 0.92 -5.18 -21.41
N LEU A 43 1.31 -6.43 -21.69
CA LEU A 43 0.36 -7.50 -22.08
C LEU A 43 -0.61 -7.72 -20.92
N VAL A 44 -0.09 -7.80 -19.70
CA VAL A 44 -0.93 -7.97 -18.48
C VAL A 44 -1.97 -6.84 -18.42
N CYS A 45 -1.55 -5.58 -18.57
CA CYS A 45 -2.47 -4.42 -18.53
C CYS A 45 -3.48 -4.52 -19.69
N GLY A 46 -3.05 -4.97 -20.87
CA GLY A 46 -3.93 -5.05 -22.04
C GLY A 46 -5.00 -6.11 -21.88
N ILE A 47 -4.64 -7.27 -21.35
CA ILE A 47 -5.62 -8.35 -21.03
C ILE A 47 -6.63 -7.80 -20.02
N ALA A 48 -6.17 -7.11 -18.96
CA ALA A 48 -7.06 -6.56 -17.92
C ALA A 48 -7.97 -5.49 -18.52
N TRP A 49 -7.43 -4.64 -19.41
CA TRP A 49 -8.23 -3.63 -20.15
C TRP A 49 -9.39 -4.34 -20.84
N TYR A 50 -9.10 -5.42 -21.56
CA TYR A 50 -10.14 -6.16 -22.34
C TYR A 50 -11.16 -6.71 -21.36
N HIS A 51 -10.71 -7.36 -20.27
CA HIS A 51 -11.62 -7.97 -19.29
C HIS A 51 -12.46 -6.92 -18.56
N TYR A 52 -11.90 -5.76 -18.20
CA TYR A 52 -12.65 -4.72 -17.47
C TYR A 52 -13.75 -4.13 -18.37
N GLN A 53 -13.51 -4.02 -19.66
CA GLN A 53 -14.57 -3.67 -20.63
C GLN A 53 -15.70 -4.69 -20.54
N LYS A 54 -15.36 -5.99 -20.54
CA LYS A 54 -16.36 -7.08 -20.50
C LYS A 54 -17.07 -7.07 -19.15
N MET A 55 -16.35 -6.83 -18.06
CA MET A 55 -16.96 -6.84 -16.71
C MET A 55 -17.96 -5.66 -16.63
N GLY A 56 -17.58 -4.50 -17.17
CA GLY A 56 -18.45 -3.30 -17.21
C GLY A 56 -19.76 -3.57 -17.92
N ALA A 57 -19.69 -4.11 -19.14
CA ALA A 57 -20.87 -4.46 -19.97
C ALA A 57 -21.69 -5.54 -19.26
N SER A 58 -21.02 -6.57 -18.74
CA SER A 58 -21.64 -7.71 -17.99
C SER A 58 -22.43 -7.17 -16.79
N TRP A 59 -21.84 -6.23 -16.05
CA TRP A 59 -22.46 -5.56 -14.89
C TRP A 59 -23.73 -4.84 -15.33
N GLU A 60 -23.60 -3.94 -16.32
CA GLU A 60 -24.68 -3.09 -16.88
C GLU A 60 -25.90 -3.94 -17.25
N SER A 61 -25.67 -5.08 -17.88
CA SER A 61 -26.71 -5.95 -18.49
C SER A 61 -27.58 -6.59 -17.41
N GLY A 62 -27.11 -6.55 -16.16
CA GLY A 62 -27.56 -7.49 -15.10
C GLY A 62 -26.88 -8.82 -15.32
N SER A 63 -27.19 -9.82 -14.49
CA SER A 63 -26.51 -11.14 -14.50
C SER A 63 -25.00 -10.94 -14.72
N TYR A 64 -24.33 -10.23 -13.81
CA TYR A 64 -22.85 -10.07 -13.77
C TYR A 64 -22.20 -11.46 -13.68
N ASP A 65 -21.24 -11.73 -14.58
CA ASP A 65 -20.47 -13.00 -14.66
C ASP A 65 -19.23 -12.90 -13.76
N THR A 66 -19.30 -13.44 -12.54
CA THR A 66 -18.22 -13.42 -11.52
C THR A 66 -17.02 -14.27 -11.98
N GLY A 67 -17.22 -15.09 -13.02
CA GLY A 67 -16.15 -15.92 -13.64
C GLY A 67 -15.21 -15.10 -14.52
N LEU A 68 -15.63 -13.93 -15.01
CA LEU A 68 -14.78 -13.07 -15.88
C LEU A 68 -13.53 -12.70 -15.08
N ARG A 69 -13.72 -12.33 -13.82
CA ARG A 69 -12.61 -11.93 -12.90
CA ARG A 69 -12.61 -11.93 -12.92
C ARG A 69 -11.58 -13.06 -12.86
N TYR A 70 -12.03 -14.31 -12.69
CA TYR A 70 -11.11 -15.47 -12.57
C TYR A 70 -10.47 -15.79 -13.92
N VAL A 71 -11.18 -15.59 -15.03
CA VAL A 71 -10.53 -15.77 -16.35
C VAL A 71 -9.39 -14.76 -16.43
N ASP A 72 -9.61 -13.53 -15.97
CA ASP A 72 -8.57 -12.47 -16.02
C ASP A 72 -7.39 -12.88 -15.12
N TRP A 73 -7.70 -13.32 -13.90
CA TRP A 73 -6.65 -13.70 -12.91
C TRP A 73 -5.84 -14.89 -13.43
N VAL A 74 -6.49 -15.89 -14.04
CA VAL A 74 -5.76 -17.16 -14.35
C VAL A 74 -4.73 -16.88 -15.45
N LEU A 75 -4.99 -15.87 -16.28
CA LEU A 75 -4.06 -15.42 -17.33
C LEU A 75 -3.04 -14.44 -16.75
N THR A 76 -3.47 -13.43 -15.99
CA THR A 76 -2.59 -12.28 -15.64
C THR A 76 -1.70 -12.64 -14.44
N VAL A 77 -2.18 -13.44 -13.49
CA VAL A 77 -1.37 -13.68 -12.26
C VAL A 77 -0.11 -14.46 -12.61
N PRO A 78 -0.18 -15.58 -13.37
CA PRO A 78 1.05 -16.23 -13.81
C PRO A 78 1.96 -15.28 -14.60
N LEU A 79 1.40 -14.47 -15.50
CA LEU A 79 2.18 -13.51 -16.32
C LEU A 79 2.87 -12.48 -15.41
N MET A 80 2.24 -12.10 -14.30
CA MET A 80 2.84 -11.10 -13.37
C MET A 80 4.09 -11.70 -12.72
N PHE A 81 4.07 -12.98 -12.34
CA PHE A 81 5.29 -13.67 -11.87
C PHE A 81 6.33 -13.67 -12.99
N VAL A 82 5.89 -13.94 -14.22
CA VAL A 82 6.80 -14.04 -15.39
C VAL A 82 7.48 -12.68 -15.62
N GLU A 83 6.75 -11.57 -15.50
CA GLU A 83 7.33 -10.24 -15.80
C GLU A 83 8.38 -9.90 -14.74
N VAL A 84 8.23 -10.37 -13.50
CA VAL A 84 9.26 -10.25 -12.43
C VAL A 84 10.46 -11.13 -12.77
N LEU A 85 10.21 -12.41 -13.05
CA LEU A 85 11.27 -13.38 -13.42
C LEU A 85 12.05 -12.85 -14.64
N ALA A 86 11.40 -12.12 -15.56
CA ALA A 86 12.05 -11.58 -16.78
C ALA A 86 13.15 -10.57 -16.41
N VAL A 87 13.08 -9.94 -15.23
CA VAL A 87 14.10 -8.93 -14.82
C VAL A 87 14.98 -9.47 -13.69
N THR A 88 14.74 -10.70 -13.20
CA THR A 88 15.62 -11.30 -12.17
C THR A 88 16.41 -12.47 -12.78
N ARG A 89 15.93 -13.06 -13.88
CA ARG A 89 16.59 -14.25 -14.48
C ARG A 89 16.69 -14.13 -16.01
N LYS A 90 17.49 -15.03 -16.60
CA LYS A 90 17.62 -15.22 -18.07
C LYS A 90 17.93 -16.70 -18.33
N GLY A 91 17.87 -17.12 -19.60
CA GLY A 91 18.23 -18.47 -20.06
C GLY A 91 17.44 -19.56 -19.35
N ALA A 92 18.09 -20.67 -19.02
CA ALA A 92 17.47 -21.89 -18.45
C ALA A 92 16.81 -21.60 -17.10
N ALA A 93 17.43 -20.74 -16.27
CA ALA A 93 16.98 -20.40 -14.90
C ALA A 93 15.59 -19.74 -14.99
N TYR A 94 15.43 -18.83 -15.95
CA TYR A 94 14.18 -18.13 -16.27
C TYR A 94 13.10 -19.13 -16.70
N ASN A 95 13.39 -19.98 -17.70
CA ASN A 95 12.43 -20.96 -18.25
C ASN A 95 11.97 -21.91 -17.15
N GLU A 96 12.87 -22.31 -16.26
CA GLU A 96 12.57 -23.21 -15.12
C GLU A 96 11.52 -22.55 -14.23
N ALA A 97 11.78 -21.30 -13.83
CA ALA A 97 10.93 -20.53 -12.90
C ALA A 97 9.61 -20.20 -13.58
N VAL A 98 9.62 -19.85 -14.86
CA VAL A 98 8.39 -19.49 -15.63
C VAL A 98 7.42 -20.67 -15.54
N ARG A 99 7.92 -21.88 -15.76
CA ARG A 99 7.11 -23.13 -15.73
C ARG A 99 6.62 -23.37 -14.31
N ASN A 100 7.54 -23.37 -13.34
CA ASN A 100 7.26 -23.76 -11.93
C ASN A 100 6.35 -22.72 -11.26
N TRP A 101 6.74 -21.45 -11.26
CA TRP A 101 5.94 -20.36 -10.63
C TRP A 101 4.63 -20.20 -11.39
N GLY A 102 4.66 -20.33 -12.72
CA GLY A 102 3.48 -20.18 -13.60
C GLY A 102 2.42 -21.22 -13.28
N ILE A 103 2.82 -22.48 -13.15
CA ILE A 103 1.90 -23.60 -12.79
C ILE A 103 1.36 -23.34 -11.38
N ALA A 104 2.22 -22.99 -10.42
CA ALA A 104 1.82 -22.69 -9.03
C ALA A 104 0.76 -21.58 -9.02
N ALA A 105 0.96 -20.52 -9.79
CA ALA A 105 0.03 -19.37 -9.83
C ALA A 105 -1.30 -19.83 -10.43
N THR A 106 -1.23 -20.67 -11.47
CA THR A 106 -2.42 -21.22 -12.16
C THR A 106 -3.21 -22.07 -11.15
N VAL A 107 -2.52 -22.91 -10.40
CA VAL A 107 -3.15 -23.78 -9.35
C VAL A 107 -3.80 -22.90 -8.30
N MET A 108 -3.12 -21.85 -7.84
CA MET A 108 -3.68 -20.92 -6.84
C MET A 108 -5.03 -20.37 -7.35
N ILE A 109 -5.07 -19.84 -8.58
CA ILE A 109 -6.31 -19.21 -9.10
C ILE A 109 -7.38 -20.29 -9.32
N GLY A 110 -6.98 -21.44 -9.83
CA GLY A 110 -7.88 -22.60 -10.05
C GLY A 110 -8.52 -23.09 -8.77
N ALA A 111 -7.73 -23.27 -7.71
CA ALA A 111 -8.25 -23.64 -6.37
C ALA A 111 -9.20 -22.56 -5.86
N GLY A 112 -8.85 -21.29 -6.06
CA GLY A 112 -9.72 -20.18 -5.65
C GLY A 112 -11.06 -20.28 -6.36
N TYR A 113 -11.03 -20.56 -7.65
CA TYR A 113 -12.26 -20.63 -8.48
C TYR A 113 -13.12 -21.82 -8.00
N TYR A 114 -12.47 -22.95 -7.75
CA TYR A 114 -13.12 -24.16 -7.19
C TYR A 114 -13.88 -23.76 -5.92
N GLY A 115 -13.25 -23.00 -5.05
CA GLY A 115 -13.85 -22.55 -3.78
C GLY A 115 -14.90 -21.50 -3.98
N GLU A 116 -14.66 -20.57 -4.90
CA GLU A 116 -15.54 -19.40 -5.17
C GLU A 116 -16.90 -19.91 -5.69
N THR A 117 -16.88 -20.94 -6.53
CA THR A 117 -18.10 -21.50 -7.18
C THR A 117 -18.80 -22.50 -6.23
N SER A 118 -18.44 -22.49 -4.95
CA SER A 118 -19.06 -23.29 -3.86
C SER A 118 -19.94 -22.36 -3.02
N ALA A 119 -20.83 -22.93 -2.21
CA ALA A 119 -21.53 -22.19 -1.13
C ALA A 119 -20.46 -21.71 -0.15
N ALA A 120 -20.51 -20.43 0.23
CA ALA A 120 -19.59 -19.78 1.19
C ALA A 120 -19.61 -20.55 2.51
N GLY A 121 -18.44 -20.84 3.08
CA GLY A 121 -18.31 -21.53 4.37
C GLY A 121 -18.46 -23.04 4.21
N SER A 122 -18.68 -23.50 2.99
CA SER A 122 -18.83 -24.94 2.65
C SER A 122 -17.45 -25.61 2.69
N ASN A 123 -17.46 -26.95 2.66
CA ASN A 123 -16.26 -27.80 2.60
C ASN A 123 -15.42 -27.42 1.37
N GLU A 124 -16.07 -27.27 0.20
CA GLU A 124 -15.43 -26.96 -1.10
C GLU A 124 -14.75 -25.58 -1.00
N TYR A 125 -15.43 -24.63 -0.37
CA TYR A 125 -14.96 -23.24 -0.13
C TYR A 125 -13.65 -23.27 0.67
N TRP A 126 -13.62 -24.07 1.75
CA TRP A 126 -12.43 -24.13 2.64
C TRP A 126 -11.30 -24.89 1.95
N THR A 127 -11.62 -25.91 1.15
CA THR A 127 -10.60 -26.67 0.38
C THR A 127 -9.90 -25.73 -0.59
N GLY A 128 -10.68 -24.99 -1.36
CA GLY A 128 -10.17 -23.99 -2.33
C GLY A 128 -9.27 -23.01 -1.60
N PHE A 129 -9.77 -22.45 -0.50
CA PHE A 129 -9.03 -21.44 0.30
C PHE A 129 -7.68 -22.03 0.73
N VAL A 130 -7.67 -23.20 1.35
CA VAL A 130 -6.42 -23.74 1.96
C VAL A 130 -5.39 -24.00 0.85
N ILE A 131 -5.78 -24.63 -0.26
CA ILE A 131 -4.85 -24.97 -1.38
CA ILE A 131 -4.83 -24.96 -1.36
C ILE A 131 -4.32 -23.65 -1.98
N ALA A 132 -5.21 -22.71 -2.23
CA ALA A 132 -4.82 -21.40 -2.83
C ALA A 132 -3.90 -20.64 -1.86
N MET A 133 -4.26 -20.60 -0.57
CA MET A 133 -3.47 -19.91 0.49
C MET A 133 -2.08 -20.53 0.60
N ALA A 134 -1.96 -21.86 0.61
CA ALA A 134 -0.66 -22.57 0.68
C ALA A 134 0.18 -22.19 -0.55
N THR A 135 -0.41 -22.18 -1.73
CA THR A 135 0.30 -21.85 -2.99
C THR A 135 0.72 -20.37 -2.96
N TYR A 136 -0.14 -19.51 -2.45
CA TYR A 136 0.16 -18.07 -2.28
C TYR A 136 1.40 -17.88 -1.41
N VAL A 137 1.41 -18.53 -0.25
CA VAL A 137 2.56 -18.40 0.70
C VAL A 137 3.83 -18.94 0.02
N TRP A 138 3.73 -20.07 -0.67
CA TRP A 138 4.87 -20.68 -1.40
C TRP A 138 5.44 -19.67 -2.40
N LEU A 139 4.58 -19.02 -3.19
CA LEU A 139 4.99 -18.01 -4.18
C LEU A 139 5.63 -16.79 -3.49
N MET A 140 5.07 -16.31 -2.38
CA MET A 140 5.59 -15.09 -1.69
C MET A 140 6.98 -15.44 -1.11
N ARG A 141 7.17 -16.69 -0.69
CA ARG A 141 8.48 -17.14 -0.15
C ARG A 141 9.50 -17.21 -1.28
N ASN A 142 9.09 -17.72 -2.45
CA ASN A 142 9.93 -17.75 -3.67
C ASN A 142 10.33 -16.32 -4.04
N LEU A 143 9.39 -15.38 -3.96
CA LEU A 143 9.64 -13.96 -4.33
C LEU A 143 10.68 -13.36 -3.38
N GLN A 144 10.53 -13.59 -2.08
CA GLN A 144 11.46 -13.12 -1.03
C GLN A 144 12.87 -13.65 -1.32
N ALA A 145 13.01 -14.92 -1.72
CA ALA A 145 14.32 -15.58 -1.94
C ALA A 145 14.97 -15.03 -3.21
N GLU A 146 14.15 -14.55 -4.16
CA GLU A 146 14.61 -14.09 -5.49
C GLU A 146 15.53 -12.86 -5.33
N GLY A 147 15.40 -12.14 -4.21
CA GLY A 147 16.16 -10.90 -3.95
C GLY A 147 17.55 -11.19 -3.40
N GLU A 148 17.76 -12.36 -2.82
CA GLU A 148 19.04 -12.73 -2.17
C GLU A 148 20.17 -12.59 -3.20
N GLY A 149 21.23 -11.86 -2.87
CA GLY A 149 22.41 -11.71 -3.72
C GLY A 149 22.39 -10.43 -4.53
N LEU A 150 21.24 -9.77 -4.65
CA LEU A 150 21.15 -8.49 -5.41
C LEU A 150 21.90 -7.41 -4.61
N LYS A 151 22.45 -6.42 -5.29
CA LYS A 151 23.25 -5.33 -4.66
C LYS A 151 22.79 -3.96 -5.17
N GLY A 152 23.10 -2.94 -4.39
CA GLY A 152 22.91 -1.52 -4.73
C GLY A 152 21.55 -1.27 -5.35
N ASP A 153 21.54 -0.60 -6.50
CA ASP A 153 20.32 -0.04 -7.14
C ASP A 153 19.37 -1.19 -7.51
N GLN A 154 19.89 -2.36 -7.93
CA GLN A 154 19.01 -3.49 -8.33
C GLN A 154 18.35 -4.08 -7.08
N ALA A 155 19.05 -4.11 -5.95
CA ALA A 155 18.48 -4.62 -4.67
C ALA A 155 17.32 -3.71 -4.29
N VAL A 156 17.49 -2.39 -4.42
CA VAL A 156 16.44 -1.41 -4.03
C VAL A 156 15.26 -1.56 -5.00
N ALA A 157 15.53 -1.67 -6.29
CA ALA A 157 14.47 -1.74 -7.32
C ALA A 157 13.68 -3.04 -7.12
N PHE A 158 14.36 -4.14 -6.80
CA PHE A 158 13.67 -5.44 -6.58
C PHE A 158 12.86 -5.37 -5.29
N GLU A 159 13.39 -4.74 -4.24
CA GLU A 159 12.67 -4.62 -2.96
C GLU A 159 11.29 -4.02 -3.25
N ASN A 160 11.22 -2.98 -4.10
CA ASN A 160 9.94 -2.30 -4.42
C ASN A 160 9.01 -3.28 -5.16
N ILE A 161 9.52 -4.01 -6.15
CA ILE A 161 8.71 -5.03 -6.90
C ILE A 161 8.15 -6.03 -5.89
N LYS A 162 9.02 -6.58 -5.03
CA LYS A 162 8.68 -7.63 -4.07
C LYS A 162 7.60 -7.11 -3.12
N ASN A 163 7.79 -5.90 -2.58
CA ASN A 163 6.88 -5.36 -1.54
C ASN A 163 5.55 -4.92 -2.15
N LEU A 164 5.49 -4.48 -3.41
CA LEU A 164 4.17 -4.19 -4.02
C LEU A 164 3.33 -5.48 -4.04
N ILE A 165 3.95 -6.59 -4.41
CA ILE A 165 3.22 -7.89 -4.47
C ILE A 165 2.89 -8.32 -3.03
N LEU A 166 3.87 -8.30 -2.12
CA LEU A 166 3.67 -8.82 -0.74
CA LEU A 166 3.67 -8.83 -0.74
C LEU A 166 2.54 -8.07 -0.06
N VAL A 167 2.51 -6.74 -0.19
CA VAL A 167 1.49 -5.89 0.49
C VAL A 167 0.24 -5.81 -0.38
N GLY A 168 0.42 -5.60 -1.69
CA GLY A 168 -0.70 -5.29 -2.60
C GLY A 168 -1.62 -6.47 -2.85
N TRP A 169 -1.13 -7.71 -2.70
CA TRP A 169 -1.96 -8.89 -3.05
C TRP A 169 -2.72 -9.43 -1.83
N ILE A 170 -2.46 -8.93 -0.62
CA ILE A 170 -3.12 -9.44 0.62
C ILE A 170 -4.64 -9.28 0.49
N ILE A 171 -5.07 -8.21 -0.16
CA ILE A 171 -6.52 -7.91 -0.31
C ILE A 171 -7.24 -9.08 -0.98
N TYR A 172 -6.61 -9.82 -1.89
CA TYR A 172 -7.32 -10.89 -2.65
C TYR A 172 -7.79 -11.97 -1.67
N PRO A 173 -6.90 -12.66 -0.92
CA PRO A 173 -7.39 -13.66 0.02
C PRO A 173 -8.29 -13.07 1.12
N LEU A 174 -8.06 -11.82 1.52
CA LEU A 174 -8.92 -11.17 2.55
C LEU A 174 -10.35 -11.03 2.03
N GLY A 175 -10.50 -10.56 0.79
CA GLY A 175 -11.80 -10.50 0.10
C GLY A 175 -12.47 -11.85 0.03
N TYR A 176 -11.72 -12.93 -0.18
CA TYR A 176 -12.29 -14.29 -0.34
C TYR A 176 -12.92 -14.72 0.99
N ILE A 177 -12.26 -14.39 2.10
CA ILE A 177 -12.69 -14.81 3.47
C ILE A 177 -13.86 -13.94 3.94
N ALA A 178 -13.90 -12.69 3.50
CA ALA A 178 -14.87 -11.67 3.95
C ALA A 178 -16.27 -12.27 4.05
N PRO A 179 -16.80 -12.89 2.97
CA PRO A 179 -18.20 -13.34 2.96
C PRO A 179 -18.58 -14.29 4.11
N VAL A 180 -17.58 -14.95 4.72
CA VAL A 180 -17.80 -15.91 5.84
C VAL A 180 -17.97 -15.12 7.15
N VAL A 181 -17.42 -13.90 7.21
CA VAL A 181 -17.48 -13.05 8.44
C VAL A 181 -18.72 -12.16 8.36
N GLY A 182 -19.30 -11.98 7.17
CA GLY A 182 -20.53 -11.19 6.99
C GLY A 182 -20.89 -10.99 5.52
N ASP A 183 -21.59 -9.90 5.22
CA ASP A 183 -22.08 -9.53 3.86
C ASP A 183 -21.17 -8.44 3.28
N PHE A 184 -20.25 -8.83 2.40
CA PHE A 184 -19.15 -7.96 1.90
C PHE A 184 -19.00 -8.02 0.38
N ASP A 185 -19.98 -8.57 -0.35
CA ASP A 185 -19.89 -8.86 -1.80
C ASP A 185 -19.67 -7.56 -2.59
N ALA A 186 -20.47 -6.54 -2.32
CA ALA A 186 -20.47 -5.24 -3.05
C ALA A 186 -19.12 -4.55 -2.84
N ILE A 187 -18.63 -4.49 -1.60
CA ILE A 187 -17.36 -3.79 -1.27
C ILE A 187 -16.19 -4.58 -1.85
N ARG A 188 -16.29 -5.90 -1.85
CA ARG A 188 -15.21 -6.79 -2.35
C ARG A 188 -14.95 -6.52 -3.83
N GLU A 189 -16.00 -6.30 -4.63
CA GLU A 189 -15.88 -6.01 -6.07
CA GLU A 189 -15.85 -6.03 -6.08
C GLU A 189 -15.15 -4.67 -6.25
N VAL A 190 -15.51 -3.69 -5.43
CA VAL A 190 -14.97 -2.32 -5.51
C VAL A 190 -13.48 -2.39 -5.18
N LEU A 191 -13.13 -3.10 -4.10
CA LEU A 191 -11.74 -3.13 -3.57
C LEU A 191 -10.87 -3.95 -4.52
N TYR A 192 -11.38 -5.05 -5.05
CA TYR A 192 -10.65 -5.87 -6.04
C TYR A 192 -10.33 -5.04 -7.28
N THR A 193 -11.27 -4.20 -7.72
CA THR A 193 -11.10 -3.37 -8.93
C THR A 193 -9.98 -2.36 -8.71
N ILE A 194 -10.03 -1.63 -7.59
CA ILE A 194 -8.97 -0.66 -7.21
C ILE A 194 -7.64 -1.40 -7.08
N ALA A 195 -7.62 -2.54 -6.39
CA ALA A 195 -6.42 -3.36 -6.20
C ALA A 195 -5.83 -3.77 -7.55
N ASP A 196 -6.65 -4.22 -8.51
CA ASP A 196 -6.14 -4.70 -9.82
C ASP A 196 -5.42 -3.55 -10.53
N ILE A 197 -5.97 -2.34 -10.49
CA ILE A 197 -5.36 -1.18 -11.19
C ILE A 197 -3.98 -0.93 -10.59
N ILE A 198 -3.92 -0.83 -9.26
CA ILE A 198 -2.65 -0.52 -8.54
C ILE A 198 -1.65 -1.65 -8.78
N ASN A 199 -2.10 -2.89 -8.65
CA ASN A 199 -1.19 -4.06 -8.72
C ASN A 199 -0.65 -4.20 -10.15
N LYR A 200 -1.52 -4.05 -11.15
CA LYR A 200 -1.08 -4.37 -12.52
C LYR A 200 -0.24 -3.22 -13.11
O LYR A 200 0.86 -3.43 -13.66
CB LYR A 200 -2.27 -4.72 -13.43
CG LYR A 200 -2.85 -6.09 -13.00
CD LYR A 200 -4.03 -6.51 -13.87
CE LYR A 200 -4.29 -8.01 -13.71
NZ LYR A 200 -4.95 -8.30 -12.43
C1 LYR A 200 -4.26 -8.71 -11.40
C2 LYR A 200 -4.79 -9.53 -10.43
C3 LYR A 200 -4.14 -10.14 -9.36
C4 LYR A 200 -2.69 -9.81 -9.05
C5 LYR A 200 -4.87 -11.05 -8.52
C6 LYR A 200 -4.29 -11.80 -7.52
C7 LYR A 200 -5.16 -12.74 -6.94
C80 LYR A 200 -4.82 -13.58 -5.88
C8 LYR A 200 -3.43 -13.51 -5.28
C9 LYR A 200 -5.81 -14.46 -5.28
C10 LYR A 200 -5.50 -15.25 -4.21
C11 LYR A 200 -6.44 -16.15 -3.56
C12 LYR A 200 -6.00 -16.83 -2.45
C13 LYR A 200 -4.56 -16.69 -1.96
C14 LYR A 200 -6.88 -17.79 -1.61
C15 LYR A 200 -8.35 -17.43 -1.82
C16 LYR A 200 -8.57 -17.51 -3.31
C17 LYR A 200 -7.89 -16.37 -4.10
C18 LYR A 200 -7.79 -16.85 -5.54
C19 LYR A 200 -8.72 -15.11 -3.96
N VAL A 201 -0.76 -2.00 -12.99
CA VAL A 201 -0.05 -0.82 -13.57
C VAL A 201 1.19 -0.56 -12.70
N GLY A 202 1.03 -0.61 -11.38
CA GLY A 202 2.16 -0.43 -10.45
C GLY A 202 3.27 -1.43 -10.69
N LEU A 203 2.96 -2.71 -10.83
CA LEU A 203 4.03 -3.71 -11.02
C LEU A 203 4.74 -3.44 -12.35
N GLY A 204 3.99 -3.11 -13.41
CA GLY A 204 4.61 -2.79 -14.72
C GLY A 204 5.60 -1.65 -14.58
N VAL A 205 5.21 -0.59 -13.86
CA VAL A 205 6.08 0.61 -13.69
C VAL A 205 7.33 0.20 -12.91
N LEU A 206 7.20 -0.65 -11.88
CA LEU A 206 8.36 -1.04 -11.06
C LEU A 206 9.26 -1.98 -11.87
N VAL A 207 8.69 -2.83 -12.72
CA VAL A 207 9.50 -3.73 -13.58
C VAL A 207 10.26 -2.86 -14.60
N LEU A 208 9.59 -1.86 -15.15
CA LEU A 208 10.23 -0.87 -16.07
C LEU A 208 11.38 -0.22 -15.31
N GLN A 209 11.18 0.22 -14.07
CA GLN A 209 12.24 0.88 -13.26
CA GLN A 209 12.25 0.88 -13.28
C GLN A 209 13.42 -0.08 -13.09
N MET A 210 13.14 -1.37 -12.85
CA MET A 210 14.22 -2.37 -12.69
CA MET A 210 14.23 -2.36 -12.68
C MET A 210 15.00 -2.50 -14.00
N ALA A 211 14.31 -2.52 -15.14
CA ALA A 211 14.94 -2.69 -16.47
C ALA A 211 15.78 -1.45 -16.79
N ARG A 212 15.29 -0.26 -16.40
CA ARG A 212 16.02 1.04 -16.51
C ARG A 212 17.34 0.94 -15.74
N VAL A 213 17.31 0.46 -14.50
CA VAL A 213 18.52 0.28 -13.65
C VAL A 213 19.46 -0.72 -14.34
N GLN A 214 18.93 -1.84 -14.84
CA GLN A 214 19.75 -2.90 -15.48
C GLN A 214 20.35 -2.36 -16.79
N SER A 215 19.76 -1.32 -17.36
CA SER A 215 20.21 -0.69 -18.64
C SER A 215 21.19 0.46 -18.38
N GLY A 216 21.53 0.71 -17.10
CA GLY A 216 22.50 1.75 -16.69
C GLY A 216 21.84 3.12 -16.53
N GLU A 217 20.52 3.16 -16.36
CA GLU A 217 19.73 4.41 -16.21
C GLU A 217 19.72 4.84 -14.74
N MET B 1 -22.54 2.40 8.06
CA MET B 1 -21.32 3.26 7.98
C MET B 1 -21.10 3.99 9.31
N GLU B 2 -22.17 4.40 10.00
CA GLU B 2 -22.09 5.02 11.35
C GLU B 2 -21.49 4.00 12.33
N GLU B 3 -22.03 2.77 12.34
CA GLU B 3 -21.62 1.71 13.30
C GLU B 3 -20.27 1.13 12.88
N LEU B 4 -20.01 1.02 11.57
CA LEU B 4 -18.72 0.54 11.05
C LEU B 4 -17.62 1.47 11.57
N THR B 5 -17.83 2.78 11.46
CA THR B 5 -16.86 3.82 11.86
C THR B 5 -16.51 3.62 13.33
N TYR B 6 -17.53 3.41 14.18
CA TYR B 6 -17.37 3.20 15.64
C TYR B 6 -16.56 1.92 15.89
N ARG B 7 -16.89 0.83 15.19
CA ARG B 7 -16.19 -0.47 15.35
C ARG B 7 -14.71 -0.28 15.00
N LEU B 8 -14.42 0.47 13.93
CA LEU B 8 -13.04 0.71 13.46
C LEU B 8 -12.27 1.55 14.49
N PHE B 9 -12.93 2.51 15.15
CA PHE B 9 -12.26 3.33 16.20
C PHE B 9 -11.74 2.38 17.28
N MET B 10 -12.55 1.39 17.64
CA MET B 10 -12.23 0.39 18.68
CA MET B 10 -12.21 0.40 18.70
C MET B 10 -11.10 -0.52 18.19
N VAL B 11 -11.15 -0.93 16.92
CA VAL B 11 -10.06 -1.76 16.33
C VAL B 11 -8.76 -0.94 16.31
N ALA B 12 -8.82 0.33 15.88
CA ALA B 12 -7.63 1.20 15.86
C ALA B 12 -7.09 1.34 17.28
N THR B 13 -7.97 1.50 18.27
CA THR B 13 -7.54 1.67 19.67
C THR B 13 -6.67 0.46 20.05
N VAL B 14 -7.15 -0.74 19.76
CA VAL B 14 -6.46 -1.99 20.18
C VAL B 14 -5.19 -2.13 19.34
N GLY B 15 -5.28 -1.85 18.03
CA GLY B 15 -4.12 -1.87 17.12
C GLY B 15 -3.04 -0.92 17.57
N MET B 16 -3.40 0.30 17.98
CA MET B 16 -2.36 1.28 18.39
C MET B 16 -1.69 0.80 19.69
N LEU B 17 -2.45 0.28 20.64
CA LEU B 17 -1.87 -0.20 21.92
C LEU B 17 -0.94 -1.38 21.62
N ALA B 18 -1.36 -2.32 20.78
CA ALA B 18 -0.54 -3.50 20.41
C ALA B 18 0.78 -3.01 19.83
N GLY B 19 0.73 -2.02 18.92
CA GLY B 19 1.96 -1.46 18.34
C GLY B 19 2.84 -0.81 19.39
N THR B 20 2.26 -0.07 20.32
CA THR B 20 3.02 0.61 21.40
C THR B 20 3.79 -0.44 22.19
N VAL B 21 3.11 -1.47 22.68
CA VAL B 21 3.73 -2.50 23.57
C VAL B 21 4.70 -3.35 22.74
N PHE B 22 4.37 -3.66 21.48
CA PHE B 22 5.31 -4.41 20.60
C PHE B 22 6.63 -3.64 20.50
N LEU B 23 6.55 -2.35 20.20
CA LEU B 23 7.75 -1.52 19.93
C LEU B 23 8.53 -1.30 21.23
N LEU B 24 7.87 -1.07 22.37
CA LEU B 24 8.60 -0.94 23.67
C LEU B 24 9.32 -2.25 23.98
N ALA B 25 8.63 -3.38 23.93
CA ALA B 25 9.18 -4.73 24.18
C ALA B 25 10.37 -4.98 23.25
N SER B 26 10.26 -4.60 21.97
CA SER B 26 11.26 -4.90 20.91
C SER B 26 12.47 -3.98 21.04
N SER B 27 12.34 -2.85 21.74
CA SER B 27 13.40 -1.82 21.90
C SER B 27 14.67 -2.46 22.47
N ARG B 28 14.55 -3.51 23.29
CA ARG B 28 15.70 -4.13 24.00
C ARG B 28 16.46 -5.08 23.07
N GLU B 29 15.95 -5.34 21.86
CA GLU B 29 16.57 -6.27 20.88
C GLU B 29 17.52 -5.51 19.94
N VAL B 30 17.53 -4.18 20.01
CA VAL B 30 18.49 -3.33 19.23
C VAL B 30 19.42 -2.64 20.22
N LYS B 31 20.53 -2.09 19.73
CA LYS B 31 21.58 -1.47 20.59
C LYS B 31 21.11 -0.09 21.04
N PRO B 32 21.54 0.35 22.25
CA PRO B 32 21.12 1.63 22.82
C PRO B 32 21.24 2.83 21.87
N GLU B 33 22.28 2.88 21.06
CA GLU B 33 22.57 4.05 20.18
C GLU B 33 21.58 4.10 19.00
N HIS B 34 20.72 3.11 18.84
CA HIS B 34 19.73 3.03 17.72
C HIS B 34 18.30 2.92 18.25
N ARG B 35 18.10 3.02 19.57
CA ARG B 35 16.77 2.79 20.21
C ARG B 35 15.88 4.02 20.10
N ARG B 36 16.46 5.21 19.90
CA ARG B 36 15.73 6.48 19.95
C ARG B 36 14.48 6.43 19.04
N GLY B 37 14.66 6.08 17.77
CA GLY B 37 13.56 6.00 16.79
C GLY B 37 12.49 5.00 17.21
N VAL B 38 12.88 3.88 17.82
CA VAL B 38 11.91 2.85 18.27
C VAL B 38 11.07 3.43 19.43
N TYR B 39 11.70 4.14 20.36
CA TYR B 39 10.99 4.75 21.52
C TYR B 39 9.97 5.78 21.00
N ILE B 40 10.39 6.64 20.10
CA ILE B 40 9.51 7.69 19.50
C ILE B 40 8.38 7.00 18.73
N SER B 41 8.66 5.92 17.99
CA SER B 41 7.61 5.15 17.27
CA SER B 41 7.61 5.15 17.27
C SER B 41 6.56 4.65 18.26
N ALA B 42 6.97 4.16 19.43
CA ALA B 42 6.02 3.66 20.45
C ALA B 42 5.19 4.81 20.99
N LEU B 43 5.81 5.97 21.19
CA LEU B 43 5.12 7.18 21.71
C LEU B 43 4.04 7.61 20.72
N VAL B 44 4.37 7.63 19.42
CA VAL B 44 3.39 7.93 18.35
C VAL B 44 2.18 7.00 18.49
N CYS B 45 2.40 5.68 18.60
CA CYS B 45 1.32 4.69 18.72
C CYS B 45 0.53 4.93 20.02
N GLY B 46 1.21 5.27 21.10
CA GLY B 46 0.55 5.48 22.41
C GLY B 46 -0.32 6.72 22.39
N ILE B 47 0.17 7.81 21.79
CA ILE B 47 -0.67 9.03 21.60
C ILE B 47 -1.90 8.66 20.79
N ALA B 48 -1.74 7.94 19.67
CA ALA B 48 -2.87 7.58 18.80
C ALA B 48 -3.84 6.67 19.56
N TRP B 49 -3.31 5.73 20.36
CA TRP B 49 -4.14 4.87 21.23
C TRP B 49 -5.08 5.75 22.08
N TYR B 50 -4.51 6.73 22.76
CA TYR B 50 -5.28 7.65 23.66
C TYR B 50 -6.34 8.39 22.83
N HIS B 51 -5.95 8.97 21.70
CA HIS B 51 -6.90 9.75 20.85
C HIS B 51 -7.99 8.86 20.26
N TYR B 52 -7.69 7.61 19.87
CA TYR B 52 -8.72 6.73 19.27
C TYR B 52 -9.74 6.31 20.33
N GLN B 53 -9.33 6.17 21.59
CA GLN B 53 -10.29 5.98 22.70
C GLN B 53 -11.24 7.18 22.75
N LYS B 54 -10.70 8.40 22.64
CA LYS B 54 -11.48 9.67 22.75
C LYS B 54 -12.37 9.82 21.51
N MET B 55 -11.82 9.49 20.33
CA MET B 55 -12.62 9.54 19.08
C MET B 55 -13.77 8.54 19.17
N GLY B 56 -13.52 7.34 19.72
CA GLY B 56 -14.57 6.32 19.92
C GLY B 56 -15.72 6.86 20.78
N ALA B 57 -15.40 7.37 21.97
CA ALA B 57 -16.38 7.89 22.95
C ALA B 57 -17.11 9.10 22.35
N SER B 58 -16.36 10.01 21.73
CA SER B 58 -16.88 11.21 21.01
C SER B 58 -17.90 10.77 19.97
N TRP B 59 -17.56 9.76 19.16
CA TRP B 59 -18.43 9.22 18.09
C TRP B 59 -19.70 8.65 18.72
N GLU B 60 -19.53 7.79 19.72
CA GLU B 60 -20.60 7.19 20.55
C GLU B 60 -21.59 8.27 21.00
N SER B 61 -21.06 9.41 21.47
CA SER B 61 -21.81 10.53 22.09
C SER B 61 -22.86 11.08 21.12
N GLY B 62 -22.54 11.10 19.82
CA GLY B 62 -23.46 11.55 18.76
C GLY B 62 -23.00 12.84 18.12
N SER B 63 -22.38 13.74 18.90
CA SER B 63 -21.73 14.98 18.38
C SER B 63 -20.21 14.76 18.35
N TYR B 64 -19.74 14.10 17.29
CA TYR B 64 -18.31 13.78 17.03
C TYR B 64 -17.50 15.07 16.93
N ASP B 65 -16.43 15.17 17.72
CA ASP B 65 -15.43 16.27 17.65
C ASP B 65 -14.41 15.94 16.55
N THR B 66 -14.52 16.59 15.40
CA THR B 66 -13.68 16.37 14.19
C THR B 66 -12.31 17.03 14.40
N GLY B 67 -12.16 17.82 15.46
CA GLY B 67 -10.87 18.41 15.86
C GLY B 67 -9.97 17.40 16.56
N LEU B 68 -10.51 16.31 17.12
CA LEU B 68 -9.68 15.32 17.85
C LEU B 68 -8.64 14.74 16.88
N ARG B 69 -9.06 14.44 15.65
CA ARG B 69 -8.15 13.88 14.61
CA ARG B 69 -8.17 13.89 14.60
C ARG B 69 -6.97 14.84 14.40
N TYR B 70 -7.25 16.14 14.31
CA TYR B 70 -6.19 17.14 14.03
C TYR B 70 -5.29 17.34 15.24
N VAL B 71 -5.81 17.23 16.46
CA VAL B 71 -4.92 17.28 17.67
C VAL B 71 -3.97 16.09 17.57
N ASP B 72 -4.47 14.92 17.19
CA ASP B 72 -3.61 13.72 17.08
C ASP B 72 -2.56 13.94 16.00
N TRP B 73 -2.99 14.42 14.84
CA TRP B 73 -2.07 14.63 13.69
C TRP B 73 -1.00 15.65 14.05
N VAL B 74 -1.35 16.76 14.71
CA VAL B 74 -0.38 17.87 14.92
C VAL B 74 0.72 17.37 15.87
N LEU B 75 0.40 16.40 16.72
CA LEU B 75 1.39 15.78 17.62
C LEU B 75 2.15 14.67 16.89
N THR B 76 1.46 13.75 16.23
CA THR B 76 2.07 12.49 15.77
C THR B 76 2.80 12.68 14.44
N VAL B 77 2.34 13.58 13.57
CA VAL B 77 2.95 13.69 12.21
C VAL B 77 4.37 14.25 12.35
N PRO B 78 4.60 15.35 13.11
CA PRO B 78 5.96 15.80 13.34
C PRO B 78 6.82 14.69 13.97
N LEU B 79 6.28 13.98 14.97
CA LEU B 79 7.00 12.89 15.67
C LEU B 79 7.36 11.77 14.67
N MET B 80 6.52 11.51 13.67
CA MET B 80 6.80 10.41 12.70
C MET B 80 8.01 10.79 11.84
N PHE B 81 8.15 12.05 11.45
CA PHE B 81 9.38 12.52 10.77
C PHE B 81 10.56 12.34 11.72
N VAL B 82 10.37 12.65 13.00
CA VAL B 82 11.46 12.56 14.01
C VAL B 82 11.91 11.11 14.16
N GLU B 83 10.99 10.15 14.21
CA GLU B 83 11.37 8.73 14.42
C GLU B 83 12.20 8.25 13.22
N VAL B 84 11.95 8.78 12.02
CA VAL B 84 12.75 8.47 10.80
C VAL B 84 14.13 9.13 10.91
N LEU B 85 14.16 10.42 11.22
CA LEU B 85 15.43 11.17 11.40
C LEU B 85 16.30 10.51 12.47
N ALA B 86 15.66 9.91 13.48
CA ALA B 86 16.35 9.26 14.63
C ALA B 86 17.16 8.05 14.14
N VAL B 87 16.81 7.47 12.99
CA VAL B 87 17.57 6.30 12.45
C VAL B 87 18.39 6.74 11.23
N THR B 88 18.25 7.96 10.71
CA THR B 88 19.07 8.41 9.56
C THR B 88 20.13 9.42 9.99
N ARG B 89 19.97 10.06 11.15
CA ARG B 89 20.88 11.15 11.58
C ARG B 89 21.22 11.02 13.06
N LYS B 90 22.22 11.77 13.51
CA LYS B 90 22.57 11.93 14.94
C LYS B 90 23.25 13.29 15.12
N GLY B 91 23.43 13.70 16.38
CA GLY B 91 24.09 14.98 16.76
C GLY B 91 23.39 16.19 16.17
N ALA B 92 24.16 17.20 15.79
CA ALA B 92 23.67 18.51 15.28
C ALA B 92 22.75 18.30 14.09
N ALA B 93 23.08 17.38 13.18
CA ALA B 93 22.37 17.16 11.89
C ALA B 93 20.92 16.72 12.19
N TYR B 94 20.76 15.83 13.17
CA TYR B 94 19.47 15.33 13.68
C TYR B 94 18.65 16.50 14.27
N ASN B 95 19.27 17.27 15.18
CA ASN B 95 18.61 18.41 15.86
C ASN B 95 18.10 19.40 14.81
N GLU B 96 18.91 19.69 13.80
CA GLU B 96 18.57 20.67 12.73
C GLU B 96 17.31 20.20 12.01
N ALA B 97 17.29 18.93 11.60
CA ALA B 97 16.19 18.30 10.85
C ALA B 97 14.94 18.20 11.73
N VAL B 98 15.09 17.82 13.00
CA VAL B 98 13.95 17.68 13.94
C VAL B 98 13.21 19.03 14.00
N ARG B 99 13.97 20.13 14.13
CA ARG B 99 13.43 21.50 14.16
C ARG B 99 12.76 21.83 12.81
N ASN B 100 13.53 21.72 11.72
CA ASN B 100 13.11 22.17 10.37
C ASN B 100 11.92 21.33 9.88
N TRP B 101 12.08 20.01 9.82
CA TRP B 101 11.02 19.07 9.34
C TRP B 101 9.82 19.12 10.30
N GLY B 102 10.08 19.20 11.61
CA GLY B 102 9.04 19.24 12.65
C GLY B 102 8.15 20.45 12.51
N ILE B 103 8.74 21.63 12.32
CA ILE B 103 7.97 22.89 12.08
C ILE B 103 7.18 22.73 10.78
N ALA B 104 7.81 22.25 9.71
CA ALA B 104 7.13 22.07 8.40
C ALA B 104 5.89 21.19 8.61
N ALA B 105 6.04 20.08 9.34
CA ALA B 105 4.93 19.11 9.52
C ALA B 105 3.81 19.77 10.33
N THR B 106 4.18 20.56 11.34
CA THR B 106 3.22 21.33 12.17
C THR B 106 2.45 22.31 11.27
N VAL B 107 3.16 23.05 10.41
CA VAL B 107 2.52 24.02 9.47
C VAL B 107 1.56 23.27 8.55
N MET B 108 1.99 22.14 7.99
CA MET B 108 1.12 21.33 7.09
C MET B 108 -0.19 21.02 7.82
N ILE B 109 -0.12 20.46 9.04
CA ILE B 109 -1.36 20.05 9.75
C ILE B 109 -2.16 21.30 10.13
N GLY B 110 -1.51 22.37 10.57
CA GLY B 110 -2.16 23.64 10.93
C GLY B 110 -2.91 24.25 9.75
N ALA B 111 -2.27 24.31 8.58
CA ALA B 111 -2.90 24.76 7.32
C ALA B 111 -4.10 23.87 7.01
N GLY B 112 -3.95 22.56 7.21
CA GLY B 112 -5.04 21.60 6.97
C GLY B 112 -6.21 21.95 7.85
N TYR B 113 -5.93 22.21 9.12
CA TYR B 113 -6.98 22.49 10.13
C TYR B 113 -7.68 23.82 9.75
N TYR B 114 -6.89 24.84 9.43
CA TYR B 114 -7.41 26.14 8.96
C TYR B 114 -8.42 25.89 7.83
N GLY B 115 -8.04 25.07 6.84
CA GLY B 115 -8.91 24.78 5.68
C GLY B 115 -10.09 23.92 6.07
N GLU B 116 -9.88 22.93 6.93
CA GLU B 116 -10.91 21.93 7.32
C GLU B 116 -12.06 22.65 8.05
N THR B 117 -11.73 23.65 8.87
CA THR B 117 -12.71 24.38 9.73
C THR B 117 -13.44 25.44 8.89
N SER B 118 -13.21 25.46 7.59
CA SER B 118 -13.82 26.41 6.61
C SER B 118 -14.94 25.71 5.85
N ALA B 119 -15.80 26.50 5.20
CA ALA B 119 -16.77 25.97 4.22
C ALA B 119 -15.99 25.25 3.11
N ALA B 120 -16.40 24.02 2.79
CA ALA B 120 -15.80 23.17 1.74
C ALA B 120 -15.88 23.92 0.41
N GLY B 121 -14.76 24.00 -0.32
CA GLY B 121 -14.69 24.70 -1.61
C GLY B 121 -14.53 26.20 -1.43
N SER B 122 -14.55 26.68 -0.18
CA SER B 122 -14.37 28.12 0.15
C SER B 122 -12.93 28.53 -0.18
N ASN B 123 -12.70 29.84 -0.24
CA ASN B 123 -11.35 30.44 -0.39
C ASN B 123 -10.42 29.89 0.70
N GLU B 124 -10.91 29.81 1.95
CA GLU B 124 -10.12 29.41 3.15
C GLU B 124 -9.72 27.93 3.00
N TYR B 125 -10.66 27.12 2.55
CA TYR B 125 -10.49 25.67 2.26
C TYR B 125 -9.34 25.49 1.27
N TRP B 126 -9.30 26.29 0.20
CA TRP B 126 -8.30 26.14 -0.88
C TRP B 126 -6.94 26.67 -0.40
N THR B 127 -6.92 27.71 0.43
CA THR B 127 -5.67 28.27 0.99
C THR B 127 -4.99 27.20 1.84
N GLY B 128 -5.77 26.60 2.73
CA GLY B 128 -5.30 25.51 3.60
C GLY B 128 -4.72 24.39 2.77
N PHE B 129 -5.48 23.95 1.76
CA PHE B 129 -5.06 22.84 0.87
C PHE B 129 -3.72 23.17 0.23
N VAL B 130 -3.60 24.34 -0.40
CA VAL B 130 -2.38 24.68 -1.19
C VAL B 130 -1.17 24.76 -0.25
N ILE B 131 -1.29 25.43 0.89
CA ILE B 131 -0.16 25.56 1.84
C ILE B 131 0.20 24.17 2.39
N ALA B 132 -0.79 23.38 2.80
CA ALA B 132 -0.54 22.03 3.35
C ALA B 132 0.09 21.13 2.27
N MET B 133 -0.42 21.21 1.04
CA MET B 133 0.04 20.38 -0.11
C MET B 133 1.48 20.75 -0.46
N ALA B 134 1.84 22.05 -0.47
CA ALA B 134 3.23 22.51 -0.77
C ALA B 134 4.17 21.98 0.30
N THR B 135 3.76 22.03 1.57
CA THR B 135 4.60 21.57 2.70
C THR B 135 4.75 20.05 2.62
N TYR B 136 3.68 19.36 2.23
CA TYR B 136 3.66 17.89 2.06
C TYR B 136 4.71 17.49 1.01
N VAL B 137 4.64 18.15 -0.13
CA VAL B 137 5.58 17.87 -1.26
C VAL B 137 7.01 18.15 -0.80
N TRP B 138 7.23 19.27 -0.12
CA TRP B 138 8.55 19.66 0.43
C TRP B 138 9.09 18.53 1.32
N LEU B 139 8.28 18.04 2.26
CA LEU B 139 8.66 16.97 3.20
C LEU B 139 8.96 15.67 2.43
N MET B 140 8.16 15.31 1.43
CA MET B 140 8.36 14.05 0.66
C MET B 140 9.68 14.16 -0.12
N ARG B 141 10.03 15.36 -0.56
CA ARG B 141 11.29 15.59 -1.32
C ARG B 141 12.48 15.48 -0.36
N ASN B 142 12.35 16.05 0.85
CA ASN B 142 13.34 15.90 1.94
C ASN B 142 13.55 14.40 2.22
N LEU B 143 12.46 13.63 2.28
CA LEU B 143 12.52 12.19 2.63
C LEU B 143 13.25 11.43 1.53
N GLN B 144 12.93 11.70 0.27
CA GLN B 144 13.61 11.10 -0.91
C GLN B 144 15.11 11.39 -0.84
N ALA B 145 15.52 12.62 -0.50
CA ALA B 145 16.94 13.03 -0.48
C ALA B 145 17.67 12.38 0.70
N GLU B 146 16.94 12.04 1.77
CA GLU B 146 17.51 11.46 3.01
C GLU B 146 18.15 10.11 2.71
N GLY B 147 17.70 9.42 1.66
CA GLY B 147 18.17 8.06 1.33
C GLY B 147 19.47 8.07 0.54
N GLU B 148 19.80 9.20 -0.09
CA GLU B 148 20.98 9.34 -0.98
C GLU B 148 22.25 8.99 -0.20
N GLY B 149 23.05 8.06 -0.73
CA GLY B 149 24.37 7.71 -0.18
C GLY B 149 24.29 6.49 0.74
N LEU B 150 23.09 6.10 1.17
CA LEU B 150 22.93 4.85 1.97
C LEU B 150 23.34 3.67 1.08
N LYS B 151 23.80 2.59 1.70
CA LYS B 151 24.29 1.40 0.97
C LYS B 151 23.71 0.13 1.58
N GLY B 152 23.75 -0.95 0.81
CA GLY B 152 23.43 -2.32 1.26
C GLY B 152 22.10 -2.38 2.00
N ASP B 153 22.09 -3.01 3.16
CA ASP B 153 20.86 -3.36 3.92
C ASP B 153 20.20 -2.08 4.45
N GLN B 154 20.97 -1.04 4.79
CA GLN B 154 20.40 0.24 5.30
C GLN B 154 19.65 0.94 4.16
N ALA B 155 20.17 0.90 2.93
CA ALA B 155 19.51 1.49 1.76
C ALA B 155 18.16 0.80 1.56
N VAL B 156 18.12 -0.53 1.66
CA VAL B 156 16.88 -1.31 1.44
C VAL B 156 15.90 -1.00 2.58
N ALA B 157 16.38 -0.99 3.83
CA ALA B 157 15.53 -0.72 5.01
C ALA B 157 14.96 0.68 4.92
N PHE B 158 15.75 1.67 4.49
CA PHE B 158 15.26 3.06 4.37
C PHE B 158 14.25 3.14 3.22
N GLU B 159 14.51 2.44 2.11
CA GLU B 159 13.59 2.45 0.96
C GLU B 159 12.19 2.11 1.47
N ASN B 160 12.08 1.10 2.35
CA ASN B 160 10.76 0.65 2.85
C ASN B 160 10.15 1.76 3.71
N ILE B 161 10.92 2.37 4.62
CA ILE B 161 10.43 3.50 5.46
C ILE B 161 9.89 4.60 4.53
N LYS B 162 10.70 5.00 3.55
CA LYS B 162 10.39 6.12 2.64
C LYS B 162 9.10 5.81 1.87
N ASN B 163 8.99 4.61 1.32
CA ASN B 163 7.87 4.23 0.44
C ASN B 163 6.60 4.03 1.25
N LEU B 164 6.68 3.57 2.51
CA LEU B 164 5.45 3.52 3.34
C LEU B 164 4.87 4.92 3.46
N ILE B 165 5.71 5.92 3.73
CA ILE B 165 5.21 7.32 3.88
C ILE B 165 4.74 7.83 2.50
N LEU B 166 5.54 7.66 1.46
CA LEU B 166 5.21 8.23 0.11
CA LEU B 166 5.22 8.21 0.11
C LEU B 166 3.86 7.67 -0.36
N VAL B 167 3.64 6.37 -0.22
CA VAL B 167 2.39 5.72 -0.73
C VAL B 167 1.31 5.85 0.34
N GLY B 168 1.66 5.56 1.60
CA GLY B 168 0.67 5.45 2.69
C GLY B 168 0.03 6.77 3.07
N TRP B 169 0.67 7.89 2.83
CA TRP B 169 0.14 9.21 3.28
C TRP B 169 -0.70 9.90 2.19
N ILE B 170 -0.76 9.34 0.98
CA ILE B 170 -1.49 9.98 -0.15
C ILE B 170 -2.97 10.08 0.20
N ILE B 171 -3.48 9.12 0.96
CA ILE B 171 -4.92 9.08 1.31
C ILE B 171 -5.32 10.35 2.08
N TYR B 172 -4.44 10.96 2.87
CA TYR B 172 -4.84 12.11 3.72
C TYR B 172 -5.26 13.29 2.83
N PRO B 173 -4.39 13.83 1.94
CA PRO B 173 -4.85 14.91 1.07
C PRO B 173 -5.98 14.48 0.12
N LEU B 174 -6.02 13.22 -0.31
CA LEU B 174 -7.11 12.74 -1.20
C LEU B 174 -8.45 12.87 -0.47
N GLY B 175 -8.49 12.43 0.79
CA GLY B 175 -9.66 12.57 1.67
C GLY B 175 -10.07 14.01 1.86
N TYR B 176 -9.11 14.94 1.95
CA TYR B 176 -9.39 16.38 2.17
C TYR B 176 -10.15 16.94 0.96
N ILE B 177 -9.75 16.52 -0.24
CA ILE B 177 -10.31 17.03 -1.53
C ILE B 177 -11.66 16.37 -1.80
N ALA B 178 -11.84 15.13 -1.35
CA ALA B 178 -13.02 14.29 -1.64
C ALA B 178 -14.31 15.10 -1.51
N PRO B 179 -14.54 15.80 -0.38
CA PRO B 179 -15.81 16.50 -0.15
C PRO B 179 -16.17 17.52 -1.25
N VAL B 180 -15.20 17.97 -2.04
CA VAL B 180 -15.46 18.96 -3.15
C VAL B 180 -15.97 18.19 -4.37
N VAL B 181 -15.68 16.89 -4.47
CA VAL B 181 -16.06 16.05 -5.63
C VAL B 181 -17.43 15.40 -5.38
N GLY B 182 -17.88 15.38 -4.12
CA GLY B 182 -19.17 14.80 -3.72
C GLY B 182 -19.28 14.67 -2.21
N ASP B 183 -20.13 13.76 -1.73
CA ASP B 183 -20.32 13.46 -0.29
C ASP B 183 -19.51 12.21 0.06
N PHE B 184 -18.40 12.36 0.80
CA PHE B 184 -17.44 11.27 1.11
C PHE B 184 -17.06 11.30 2.60
N ASP B 185 -17.91 11.89 3.45
CA ASP B 185 -17.60 12.16 4.88
C ASP B 185 -17.48 10.85 5.67
N ALA B 186 -18.50 9.98 5.62
CA ALA B 186 -18.56 8.72 6.39
C ALA B 186 -17.37 7.84 6.01
N ILE B 187 -17.11 7.72 4.71
CA ILE B 187 -16.07 6.80 4.16
C ILE B 187 -14.68 7.39 4.44
N ARG B 188 -14.56 8.72 4.45
CA ARG B 188 -13.29 9.43 4.73
C ARG B 188 -12.81 9.09 6.15
N GLU B 189 -13.73 9.01 7.11
CA GLU B 189 -13.41 8.69 8.52
C GLU B 189 -12.93 7.24 8.60
N VAL B 190 -13.57 6.34 7.87
CA VAL B 190 -13.22 4.89 7.83
C VAL B 190 -11.81 4.75 7.26
N LEU B 191 -11.54 5.39 6.12
CA LEU B 191 -10.27 5.23 5.37
C LEU B 191 -9.13 5.87 6.17
N TYR B 192 -9.38 7.03 6.79
CA TYR B 192 -8.38 7.70 7.65
C TYR B 192 -8.02 6.77 8.83
N THR B 193 -9.01 6.10 9.40
CA THR B 193 -8.80 5.24 10.59
C THR B 193 -7.92 4.05 10.18
N ILE B 194 -8.26 3.37 9.09
CA ILE B 194 -7.45 2.24 8.57
C ILE B 194 -6.05 2.76 8.23
N ALA B 195 -5.95 3.89 7.55
CA ALA B 195 -4.66 4.49 7.14
C ALA B 195 -3.79 4.77 8.37
N ASP B 196 -4.37 5.34 9.43
CA ASP B 196 -3.60 5.68 10.65
C ASP B 196 -2.98 4.42 11.25
N ILE B 197 -3.73 3.33 11.33
CA ILE B 197 -3.23 2.07 11.95
C ILE B 197 -2.04 1.61 11.12
N ILE B 198 -2.20 1.52 9.81
CA ILE B 198 -1.14 1.01 8.91
C ILE B 198 0.07 1.94 8.96
N ASN B 199 -0.15 3.24 8.86
CA ASN B 199 0.95 4.23 8.80
C ASN B 199 1.70 4.26 10.13
N LYR B 200 0.98 4.23 11.26
CA LYR B 200 1.72 4.45 12.55
C LYR B 200 2.42 3.18 13.02
O LYR B 200 3.61 3.19 13.38
CB LYR B 200 0.81 5.04 13.62
CG LYR B 200 0.37 6.45 13.22
CD LYR B 200 -0.52 7.05 14.32
CE LYR B 200 -0.56 8.59 14.21
NZ LYR B 200 -1.37 9.03 13.06
C1 LYR B 200 -0.82 9.26 11.87
C2 LYR B 200 -1.39 10.16 11.00
C3 LYR B 200 -0.84 10.69 9.83
C4 LYR B 200 0.51 10.20 9.32
C5 LYR B 200 -1.49 11.74 9.10
C6 LYR B 200 -0.92 12.39 8.01
C7 LYR B 200 -1.69 13.48 7.54
C80 LYR B 200 -1.38 14.27 6.43
C8 LYR B 200 -0.14 13.95 5.62
C9 LYR B 200 -2.29 15.32 6.01
C10 LYR B 200 -2.02 16.08 4.90
C11 LYR B 200 -2.90 17.14 4.38
C12 LYR B 200 -2.52 17.75 3.20
C13 LYR B 200 -1.22 17.34 2.48
C14 LYR B 200 -3.30 18.84 2.49
C15 LYR B 200 -4.76 18.77 2.94
C16 LYR B 200 -4.76 18.86 4.47
C17 LYR B 200 -4.19 17.60 5.13
C18 LYR B 200 -3.85 17.98 6.57
C19 LYR B 200 -5.21 16.50 5.10
N VAL B 201 1.69 2.07 13.00
CA VAL B 201 2.26 0.77 13.46
C VAL B 201 3.29 0.32 12.41
N GLY B 202 2.94 0.43 11.12
CA GLY B 202 3.87 0.06 10.04
C GLY B 202 5.16 0.85 10.09
N LEU B 203 5.09 2.17 10.29
CA LEU B 203 6.33 2.97 10.29
C LEU B 203 7.18 2.56 11.50
N GLY B 204 6.56 2.36 12.66
CA GLY B 204 7.30 1.90 13.86
C GLY B 204 8.04 0.60 13.56
N VAL B 205 7.36 -0.35 12.93
CA VAL B 205 7.96 -1.67 12.63
C VAL B 205 9.14 -1.47 11.67
N LEU B 206 9.01 -0.60 10.67
CA LEU B 206 10.08 -0.42 9.67
C LEU B 206 11.24 0.36 10.31
N VAL B 207 10.95 1.27 11.24
CA VAL B 207 12.03 2.00 11.96
C VAL B 207 12.79 1.01 12.87
N LEU B 208 12.06 0.11 13.52
CA LEU B 208 12.61 -1.02 14.32
C LEU B 208 13.53 -1.84 13.41
N GLN B 209 13.07 -2.17 12.20
CA GLN B 209 13.86 -3.00 11.25
CA GLN B 209 13.85 -2.98 11.22
C GLN B 209 15.15 -2.25 10.88
N MET B 210 15.09 -0.95 10.63
CA MET B 210 16.30 -0.15 10.30
CA MET B 210 16.32 -0.17 10.29
C MET B 210 17.28 -0.20 11.49
N ALA B 211 16.74 -0.09 12.70
CA ALA B 211 17.55 -0.04 13.95
C ALA B 211 18.21 -1.41 14.18
N ARG B 212 17.51 -2.51 13.86
CA ARG B 212 18.04 -3.90 13.88
C ARG B 212 19.21 -4.01 12.90
N VAL B 213 19.02 -3.58 11.65
CA VAL B 213 20.09 -3.58 10.62
C VAL B 213 21.30 -2.82 11.17
N GLN B 214 21.07 -1.61 11.67
CA GLN B 214 22.17 -0.74 12.16
C GLN B 214 22.86 -1.39 13.36
N SER B 215 22.15 -2.22 14.13
CA SER B 215 22.69 -2.91 15.32
C SER B 215 23.51 -4.14 14.91
N GLY B 216 23.57 -4.42 13.60
CA GLY B 216 24.28 -5.59 13.03
C GLY B 216 23.34 -6.78 12.88
N GLU B 217 22.07 -6.61 13.23
CA GLU B 217 21.00 -7.64 13.09
C GLU B 217 20.43 -7.59 11.66
C1 LFA C . -15.83 -18.65 -16.95
C2 LFA C . -14.96 -18.65 -15.69
C3 LFA C . -13.89 -19.74 -15.72
C4 LFA C . -12.65 -19.27 -14.94
C5 LFA C . -11.78 -20.45 -14.51
C6 LFA C . -10.38 -19.97 -14.10
C7 LFA C . -9.62 -21.02 -13.29
C8 LFA C . -9.81 -22.42 -13.87
C9 LFA C . -8.62 -23.36 -13.60
C10 LFA C . -7.29 -22.62 -13.71
C1 LFA D . -7.25 -21.71 7.23
C2 LFA D . -5.85 -22.30 7.18
C3 LFA D . -4.89 -21.42 6.36
C4 LFA D . -4.37 -22.17 5.14
C5 LFA D . -2.93 -21.79 4.82
C6 LFA D . -2.01 -23.01 4.78
C7 LFA D . -0.61 -22.58 5.19
C8 LFA D . 0.45 -23.53 4.65
C9 LFA D . 1.61 -22.73 4.10
C10 LFA D . 2.33 -23.55 3.03
C11 LFA D . 3.40 -22.71 2.31
C12 LFA D . 4.81 -23.06 2.77
C13 LFA D . 5.82 -22.66 1.68
C14 LFA D . 7.23 -23.12 2.06
C15 LFA D . 8.20 -22.84 0.91
C16 LFA D . 9.20 -23.97 0.72
C1 LFA E . -1.03 -15.28 -22.55
C2 LFA E . -0.46 -16.54 -21.91
C3 LFA E . -0.98 -16.72 -20.49
C4 LFA E . -0.63 -18.10 -19.97
C5 LFA E . -1.16 -18.34 -18.56
C6 LFA E . -1.24 -19.84 -18.25
C7 LFA E . -2.47 -20.17 -17.43
C8 LFA E . -3.70 -20.39 -18.30
C9 LFA E . -4.38 -21.73 -17.97
C10 LFA E . -5.67 -21.92 -18.75
C1 LFA F . 0.04 -5.14 -26.39
C2 LFA F . 1.03 -6.07 -25.68
C3 LFA F . 2.03 -6.67 -26.67
C4 LFA F . 2.27 -8.15 -26.39
C5 LFA F . 3.76 -8.44 -26.23
C6 LFA F . 4.03 -9.84 -25.69
C7 LFA F . 5.42 -9.87 -25.00
C8 LFA F . 6.01 -11.27 -24.86
C9 LFA F . 7.53 -11.20 -24.99
C10 LFA F . 8.21 -12.28 -24.14
C1 LFA G . -1.86 -1.13 -2.28
C2 LFA G . -0.55 -1.06 -1.50
C3 LFA G . 0.63 -0.47 -2.31
C4 LFA G . 1.93 -1.23 -1.97
C5 LFA G . 3.16 -0.31 -1.86
C6 LFA G . 4.17 -0.53 -2.98
C7 LFA G . 5.62 -0.71 -2.52
C8 LFA G . 6.54 -0.12 -3.58
C9 LFA G . 6.41 1.40 -3.57
C10 LFA G . 7.40 2.06 -4.51
C11 LFA G . 7.11 3.56 -4.51
C12 LFA G . 7.85 4.23 -5.67
C13 LFA G . 9.12 4.92 -5.19
C14 LFA G . 10.15 4.97 -6.32
C15 LFA G . 10.46 3.55 -6.83
C16 LFA G . 10.94 3.56 -8.28
C1 LFA H . -3.92 3.76 -1.60
C2 LFA H . -2.62 3.52 -2.38
C3 LFA H . -2.18 4.77 -3.15
C4 LFA H . -2.28 4.59 -4.67
C5 LFA H . -0.94 4.81 -5.38
C6 LFA H . 0.10 3.79 -4.92
C7 LFA H . 0.78 3.10 -6.11
C8 LFA H . 1.84 2.10 -5.64
C9 LFA H . 2.42 1.35 -6.84
C10 LFA H . 3.85 1.77 -7.15
C11 LFA H . 3.91 2.71 -8.33
C12 LFA H . 5.34 2.96 -8.83
C13 LFA H . 5.75 4.42 -8.66
C14 LFA H . 6.55 4.93 -9.86
C15 LFA H . 8.03 4.55 -9.76
C16 LFA H . 8.81 5.14 -10.94
C1 LFA I . -14.88 -25.59 -11.50
C2 LFA I . -13.68 -26.16 -10.74
C3 LFA I . -12.43 -26.18 -11.61
C4 LFA I . -11.17 -26.14 -10.71
C5 LFA I . -10.06 -27.01 -11.29
C6 LFA I . -8.91 -27.20 -10.27
C7 LFA I . -7.54 -27.00 -10.92
C8 LFA I . -6.50 -26.57 -9.87
C1 LFA J . -6.79 5.98 -13.71
C2 LFA J . -5.51 5.19 -13.42
C3 LFA J . -4.27 5.89 -14.02
C4 LFA J . -3.11 4.92 -14.24
C5 LFA J . -1.94 5.61 -14.95
C6 LFA J . -1.35 4.71 -16.04
C7 LFA J . 0.02 5.19 -16.53
C8 LFA J . 0.97 5.60 -15.41
C1 LFA K . -2.05 -6.30 -25.72
C2 LFA K . -3.58 -6.25 -25.80
C3 LFA K . -4.17 -7.57 -25.37
C4 LFA K . -5.67 -7.54 -25.54
C5 LFA K . -6.27 -8.89 -25.19
C6 LFA K . -7.58 -9.07 -25.97
C1 LFA L . 4.17 -26.12 -9.02
C2 LFA L . 4.70 -25.98 -7.60
C3 LFA L . 3.56 -26.06 -6.58
C4 LFA L . 4.10 -26.24 -5.16
C5 LFA L . 3.54 -25.19 -4.21
C6 LFA L . 3.20 -25.77 -2.84
C7 LFA L . 1.71 -25.52 -2.56
C8 LFA L . 1.24 -26.25 -1.31
C9 LFA L . 0.66 -27.62 -1.65
C10 LFA L . -0.46 -27.54 -2.69
C1 LFA M . -18.37 -3.75 -25.30
C2 LFA M . -16.84 -3.73 -25.14
C3 LFA M . -16.14 -4.16 -26.44
C4 LFA M . -14.82 -4.86 -26.12
C5 LFA M . -14.08 -5.30 -27.39
C6 LFA M . -12.59 -4.94 -27.29
C7 LFA M . -11.85 -5.23 -28.61
C8 LFA M . -10.34 -5.07 -28.45
C9 LFA M . -9.64 -6.42 -28.25
C10 LFA M . -8.33 -6.43 -29.05
C3 LFA N . 3.84 6.87 -14.20
C4 LFA N . 5.29 6.61 -13.78
C5 LFA N . 6.27 7.47 -14.60
C6 LFA N . 7.72 7.28 -14.14
C7 LFA N . 8.25 5.87 -14.43
C8 LFA N . 9.19 5.88 -15.63
C1 OLB O . 1.42 -13.05 4.05
C2 OLB O . 0.13 -13.83 4.04
C3 OLB O . -1.05 -12.89 3.91
C4 OLB O . -2.20 -13.36 4.78
C5 OLB O . -3.55 -13.18 4.09
O19 OLB O . 1.53 -12.03 4.72
O20 OLB O . 2.54 -13.50 3.26
C21 OLB O . 3.84 -13.55 3.86
C22 OLB O . 4.42 -14.93 3.64
O23 OLB O . 3.57 -15.65 2.73
C24 OLB O . 5.83 -14.80 3.06
O25 OLB O . 6.59 -13.90 3.87
C6 OLB O . -4.59 -13.97 4.86
C7 OLB O . -5.98 -13.39 4.67
C8 OLB O . -6.99 -14.22 5.44
C1 LFA P . -2.11 24.20 14.65
C2 LFA P . -3.50 23.61 14.76
C3 LFA P . -3.48 22.12 14.45
C4 LFA P . -4.69 21.34 14.95
C5 LFA P . -5.48 21.99 16.07
C6 LFA P . -6.74 21.17 16.34
C7 LFA P . -7.57 21.70 17.51
C8 LFA P . -8.86 20.90 17.60
C9 LFA P . -9.71 21.30 18.81
C10 LFA P . -10.53 20.10 19.28
C1 LFA Q . 15.68 8.95 22.96
C2 LFA Q . 14.33 8.63 23.61
C3 LFA Q . 13.19 9.53 23.10
C4 LFA Q . 12.09 9.62 24.15
C5 LFA Q . 10.78 8.91 23.77
C6 LFA Q . 10.28 8.02 24.92
C7 LFA Q . 8.76 8.07 25.08
C8 LFA Q . 8.25 6.93 25.98
C9 LFA Q . 7.27 6.00 25.25
C10 LFA Q . 6.12 5.57 26.17
C11 LFA Q . 4.90 5.13 25.36
C12 LFA Q . 3.58 5.43 26.10
C13 LFA Q . 3.04 6.84 25.76
C14 LFA Q . 1.52 7.00 26.02
C15 LFA Q . 1.10 8.47 25.95
C16 LFA Q . -0.36 8.66 25.58
C1 LFA R . -4.26 -7.74 19.39
C2 LFA R . -3.58 -8.14 20.70
C3 LFA R . -2.14 -8.57 20.47
C4 LFA R . -1.36 -8.60 21.78
C5 LFA R . -0.08 -7.78 21.67
C6 LFA R . 1.12 -8.69 21.56
C7 LFA R . 2.38 -7.89 21.33
C8 LFA R . 3.58 -8.82 21.43
C9 LFA R . 4.70 -8.18 22.24
C10 LFA R . 6.04 -8.83 21.88
C11 LFA R . 6.99 -8.82 23.10
C12 LFA R . 8.13 -9.82 22.92
C13 LFA R . 9.44 -9.15 22.50
C14 LFA R . 10.55 -9.49 23.51
C2 LFA S . -8.62 27.75 13.23
C3 LFA S . -7.41 28.53 12.68
C4 LFA S . -6.09 27.74 12.80
C5 LFA S . -4.94 28.73 12.56
C6 LFA S . -3.56 28.07 12.45
C1 LFA T . 2.33 22.13 18.28
C2 LFA T . 2.65 20.64 18.39
C3 LFA T . 4.04 20.29 17.87
C4 LFA T . 4.18 18.76 17.79
C5 LFA T . 5.44 18.23 18.45
C6 LFA T . 5.23 17.90 19.94
C7 LFA T . 5.24 16.40 20.17
C8 LFA T . 5.79 16.03 21.55
C9 LFA T . 4.80 15.11 22.25
C1 LFA U . -4.52 3.25 3.05
C2 LFA U . -3.08 3.05 3.47
C3 LFA U . -2.34 2.22 2.42
C4 LFA U . -0.89 1.94 2.83
C5 LFA U . -0.27 0.92 1.88
C6 LFA U . 1.12 0.47 2.35
C7 LFA U . 2.21 1.34 1.75
C8 LFA U . 3.27 0.55 0.99
C9 LFA U . 4.26 -0.17 1.90
C10 LFA U . 5.71 0.11 1.49
C11 LFA U . 6.56 -1.16 1.65
C12 LFA U . 6.71 -1.56 3.10
C13 LFA U . 7.54 -2.83 3.28
C14 LFA U . 6.69 -4.07 3.09
C15 LFA U . 7.12 -5.19 4.03
C16 LFA U . 8.63 -5.21 4.20
C1 LFA V . 0.18 13.51 -4.10
C2 LFA V . 1.54 12.81 -3.98
C3 LFA V . 2.70 13.80 -4.05
C4 LFA V . 4.03 13.13 -3.68
C5 LFA V . 5.24 14.00 -4.03
C6 LFA V . 6.47 13.12 -4.28
C7 LFA V . 7.68 13.96 -4.67
C8 LFA V . 8.56 13.25 -5.71
C1 LFA W . 8.09 -5.76 8.47
C2 LFA W . 6.62 -5.58 8.04
C3 LFA W . 6.18 -4.12 8.13
C4 LFA W . 4.88 -3.88 7.37
C5 LFA W . 4.53 -2.39 7.28
C6 LFA W . 3.97 -2.02 5.91
C7 LFA W . 2.47 -1.76 5.94
C8 LFA W . 1.65 -3.04 6.01
C9 LFA W . 0.56 -3.08 4.93
C10 LFA W . -0.72 -3.75 5.45
C11 LFA W . -1.65 -4.25 4.33
C12 LFA W . -2.12 -3.12 3.40
C1 LFA X . 3.20 -6.29 15.68
C2 LFA X . 2.05 -5.98 16.66
C3 LFA X . 1.20 -4.82 16.17
C4 LFA X . -0.03 -5.31 15.39
C5 LFA X . -1.17 -4.29 15.49
C6 LFA X . -1.93 -4.16 14.16
C7 LFA X . -3.26 -4.93 14.19
C8 LFA X . -4.47 -4.02 14.44
C9 LFA X . -5.76 -4.85 14.65
C10 LFA X . -5.88 -5.43 16.06
C11 LFA X . -7.18 -6.24 16.23
C12 LFA X . -8.02 -5.72 17.42
C13 LFA X . -9.13 -6.70 17.86
C14 LFA X . -10.13 -6.02 18.81
C15 LFA X . -11.51 -5.91 18.19
C16 LFA X . -12.40 -4.85 18.83
C1 LFA Y . 13.55 13.29 20.93
C2 LFA Y . 13.04 14.63 20.42
C3 LFA Y . 11.53 14.58 20.14
C4 LFA Y . 10.91 15.99 20.14
C5 LFA Y . 10.61 16.50 18.73
C6 LFA Y . 9.61 17.66 18.75
C7 LFA Y . 8.89 17.84 17.40
C8 LFA Y . 9.37 19.11 16.68
C9 LFA Y . 8.20 20.03 16.36
C10 LFA Y . 8.69 21.40 15.91
C1 LFA Z . -8.56 -2.88 9.63
C2 LFA Z . -7.25 -2.61 10.40
C3 LFA Z . -6.02 -2.82 9.51
C4 LFA Z . -4.86 -3.34 10.35
C5 LFA Z . -3.60 -3.51 9.51
C6 LFA Z . -2.43 -2.84 10.24
C7 LFA Z . -1.06 -3.22 9.67
C8 LFA Z . 0.01 -2.78 10.65
C9 LFA Z . 1.42 -3.06 10.11
C10 LFA Z . 2.28 -3.79 11.15
C1 LFA AA . -3.46 27.59 18.06
C2 LFA AA . -4.44 26.80 17.19
C3 LFA AA . -5.68 26.40 17.99
C4 LFA AA . -6.91 26.30 17.06
C5 LFA AA . -8.19 26.05 17.84
C6 LFA AA . -9.40 26.40 16.94
C24 OLC BA . -4.69 14.65 23.80
C3 OLC BA . 2.21 14.29 24.21
C2 OLC BA . 1.02 15.20 24.48
C21 OLC BA . -2.65 14.35 25.14
C1 OLC BA . -0.23 14.38 24.61
C22 OLC BA . -3.90 15.21 24.95
O19 OLC BA . -0.16 13.19 24.83
O25 OLC BA . -6.01 15.18 23.77
O23 OLC BA . -4.73 15.19 26.11
O20 OLC BA . -1.55 15.00 24.52
#